data_3WK2
#
_entry.id   3WK2
#
_cell.length_a   57.833
_cell.length_b   103.388
_cell.length_c   73.270
_cell.angle_alpha   90.000
_cell.angle_beta   90.000
_cell.angle_gamma   90.000
#
_symmetry.space_group_name_H-M   'C 2 2 21'
#
loop_
_entity.id
_entity.type
_entity.pdbx_description
1 polymer "Orotidine 5'-phosphate decarboxylase"
2 non-polymer "6-(methoxycarbonyl)uridine 5'-(dihydrogen phosphate)"
3 non-polymer GLYCEROL
4 water water
#
_entity_poly.entity_id   1
_entity_poly.type   'polypeptide(L)'
_entity_poly.pdbx_seq_one_letter_code
;GSHMRSRRVDVMDVMNRLILAMDLMNRDDALRVTGEVREYIDTVKIGYPLVLSEGMDIIAEFRKRFGCRIIADFAVADIP
ETNEKICRATFKAGADAIIVHGFPGADSVRACLNVAEEMGREVFLLTEMSHPGAEMFIQGAADEIARMGVDLGVKNYVGP
STRPERLSRLREIIGQDSFLISPGVGAQGGDPGETLRFADAIIVGRSIYLADNPAAAAAGIIESIKDLRIPEDPAANKAR
KEAELAAATAEQ
;
_entity_poly.pdbx_strand_id   A
#
# COMPACT_ATOMS: atom_id res chain seq x y z
N VAL A 14 3.97 11.13 -2.59
CA VAL A 14 4.45 10.35 -3.76
C VAL A 14 4.20 11.17 -5.02
N MET A 15 4.98 10.95 -6.07
CA MET A 15 4.85 11.79 -7.22
C MET A 15 3.42 11.71 -7.76
N ASN A 16 2.80 12.87 -7.91
CA ASN A 16 1.49 12.98 -8.50
C ASN A 16 0.43 12.27 -7.66
N ARG A 17 0.78 11.87 -6.44
N ARG A 17 0.80 11.86 -6.45
CA ARG A 17 -0.16 11.25 -5.51
CA ARG A 17 -0.15 11.26 -5.51
C ARG A 17 -0.68 9.94 -6.08
C ARG A 17 -0.68 9.94 -6.08
N LEU A 18 0.10 9.36 -6.98
CA LEU A 18 -0.34 8.13 -7.66
C LEU A 18 0.67 7.00 -7.50
N ILE A 19 0.20 5.85 -7.01
CA ILE A 19 1.03 4.66 -6.79
C ILE A 19 0.52 3.57 -7.73
N LEU A 20 1.42 2.99 -8.51
CA LEU A 20 1.01 1.95 -9.45
C LEU A 20 0.98 0.60 -8.71
N ALA A 21 -0.12 -0.11 -8.83
CA ALA A 21 -0.20 -1.48 -8.32
C ALA A 21 0.18 -2.42 -9.46
N MET A 22 1.43 -2.91 -9.38
CA MET A 22 1.96 -3.72 -10.51
C MET A 22 1.70 -5.21 -10.25
N ASP A 23 0.50 -5.62 -10.65
CA ASP A 23 0.01 -7.00 -10.43
C ASP A 23 0.00 -7.85 -11.69
N LEU A 24 0.66 -7.39 -12.76
CA LEU A 24 0.97 -8.33 -13.85
C LEU A 24 1.87 -9.46 -13.33
N MET A 25 1.81 -10.62 -13.97
CA MET A 25 2.48 -11.80 -13.39
C MET A 25 3.57 -12.33 -14.32
C MET A 25 3.72 -12.25 -14.14
N ASN A 26 4.05 -11.45 -15.20
N ASN A 26 4.01 -11.62 -15.25
CA ASN A 26 5.12 -11.76 -16.14
CA ASN A 26 5.25 -11.95 -15.89
C ASN A 26 6.14 -10.63 -16.03
C ASN A 26 6.14 -10.72 -15.98
N ARG A 27 7.42 -10.96 -15.83
CA ARG A 27 8.41 -9.91 -15.65
C ARG A 27 8.48 -8.98 -16.86
N ASP A 28 8.41 -9.54 -18.07
CA ASP A 28 8.55 -8.69 -19.26
C ASP A 28 7.42 -7.67 -19.33
N ASP A 29 6.20 -8.12 -19.08
CA ASP A 29 5.05 -7.22 -19.16
C ASP A 29 5.11 -6.18 -18.01
N ALA A 30 5.47 -6.63 -16.81
CA ALA A 30 5.59 -5.78 -15.65
C ALA A 30 6.64 -4.68 -15.88
N LEU A 31 7.79 -5.04 -16.42
CA LEU A 31 8.83 -4.05 -16.73
C LEU A 31 8.38 -3.05 -17.80
N ARG A 32 7.69 -3.55 -18.81
CA ARG A 32 7.23 -2.69 -19.91
C ARG A 32 6.26 -1.64 -19.38
N VAL A 33 5.22 -2.08 -18.66
CA VAL A 33 4.20 -1.14 -18.21
C VAL A 33 4.80 -0.15 -17.20
N THR A 34 5.60 -0.66 -16.27
CA THR A 34 6.22 0.24 -15.29
C THR A 34 7.12 1.29 -15.96
N GLY A 35 7.90 0.85 -16.93
CA GLY A 35 8.75 1.81 -17.67
C GLY A 35 7.92 2.85 -18.41
N GLU A 36 6.76 2.46 -18.93
CA GLU A 36 5.95 3.37 -19.72
C GLU A 36 5.31 4.43 -18.86
N VAL A 37 5.09 4.12 -17.58
CA VAL A 37 4.39 5.07 -16.72
C VAL A 37 5.29 5.76 -15.70
N ARG A 38 6.57 5.44 -15.73
CA ARG A 38 7.52 5.92 -14.70
C ARG A 38 7.61 7.44 -14.62
N GLU A 39 7.36 8.14 -15.72
CA GLU A 39 7.44 9.58 -15.66
C GLU A 39 6.34 10.18 -14.79
N TYR A 40 5.28 9.40 -14.53
CA TYR A 40 4.08 9.87 -13.79
C TYR A 40 3.97 9.36 -12.35
C TYR A 40 4.14 9.45 -12.34
N ILE A 41 4.93 8.59 -11.87
N ILE A 41 4.82 8.33 -12.09
CA ILE A 41 4.88 8.04 -10.52
CA ILE A 41 4.74 7.60 -10.85
C ILE A 41 6.27 8.08 -9.84
C ILE A 41 6.14 7.20 -10.39
N ASP A 42 6.30 7.95 -8.52
N ASP A 42 6.51 7.54 -9.16
CA ASP A 42 7.59 7.72 -7.87
CA ASP A 42 7.80 7.12 -8.58
C ASP A 42 7.54 6.52 -6.95
C ASP A 42 7.67 6.12 -7.42
N THR A 43 6.47 5.73 -7.05
N THR A 43 6.45 5.68 -7.14
CA THR A 43 6.21 4.67 -6.08
C THR A 43 5.42 3.53 -6.73
N VAL A 44 5.94 2.32 -6.62
CA VAL A 44 5.30 1.13 -7.20
C VAL A 44 4.98 0.17 -6.04
N LYS A 45 3.75 -0.33 -6.02
CA LYS A 45 3.34 -1.33 -5.06
C LYS A 45 3.48 -2.69 -5.78
N ILE A 46 4.26 -3.58 -5.19
CA ILE A 46 4.46 -4.93 -5.77
C ILE A 46 3.93 -5.92 -4.75
N GLY A 47 3.10 -6.84 -5.23
CA GLY A 47 2.43 -7.81 -4.39
C GLY A 47 2.83 -9.23 -4.73
N TYR A 48 2.10 -10.16 -4.13
CA TYR A 48 2.37 -11.56 -4.35
C TYR A 48 2.12 -12.07 -5.80
N PRO A 49 1.13 -11.50 -6.52
CA PRO A 49 0.99 -11.94 -7.91
C PRO A 49 2.32 -11.89 -8.70
N LEU A 50 3.05 -10.78 -8.56
CA LEU A 50 4.30 -10.65 -9.30
C LEU A 50 5.44 -11.40 -8.59
N VAL A 51 5.55 -11.23 -7.28
CA VAL A 51 6.62 -11.90 -6.54
C VAL A 51 6.56 -13.44 -6.60
N LEU A 52 5.36 -14.00 -6.49
CA LEU A 52 5.28 -15.48 -6.49
C LEU A 52 5.47 -16.03 -7.89
N SER A 53 5.39 -15.15 -8.89
CA SER A 53 5.60 -15.55 -10.27
C SER A 53 7.03 -15.39 -10.76
N GLU A 54 7.73 -14.38 -10.26
CA GLU A 54 9.04 -14.01 -10.77
C GLU A 54 10.15 -13.98 -9.71
N GLY A 55 9.79 -14.06 -8.44
CA GLY A 55 10.79 -14.08 -7.38
C GLY A 55 11.00 -12.76 -6.68
N MET A 56 11.52 -12.84 -5.46
CA MET A 56 11.77 -11.65 -4.65
C MET A 56 12.81 -10.72 -5.27
N ASP A 57 13.66 -11.25 -6.13
CA ASP A 57 14.67 -10.41 -6.78
C ASP A 57 14.03 -9.33 -7.66
N ILE A 58 12.74 -9.48 -8.00
CA ILE A 58 12.08 -8.47 -8.81
C ILE A 58 11.99 -7.14 -8.09
N ILE A 59 11.97 -7.16 -6.75
CA ILE A 59 11.88 -5.93 -5.98
C ILE A 59 13.13 -5.06 -6.19
N ALA A 60 14.32 -5.66 -6.04
CA ALA A 60 15.58 -4.92 -6.24
C ALA A 60 15.72 -4.51 -7.69
N GLU A 61 15.26 -5.37 -8.60
CA GLU A 61 15.37 -5.02 -10.01
C GLU A 61 14.56 -3.78 -10.33
N PHE A 62 13.33 -3.73 -9.81
CA PHE A 62 12.48 -2.56 -10.04
C PHE A 62 13.10 -1.33 -9.41
N ARG A 63 13.49 -1.43 -8.14
N ARG A 63 13.47 -1.43 -8.13
CA ARG A 63 14.07 -0.29 -7.45
CA ARG A 63 14.12 -0.32 -7.43
C ARG A 63 15.27 0.29 -8.20
C ARG A 63 15.24 0.28 -8.25
N LYS A 64 16.14 -0.58 -8.73
CA LYS A 64 17.31 -0.12 -9.48
C LYS A 64 16.95 0.46 -10.85
N ARG A 65 16.23 -0.32 -11.65
N ARG A 65 16.19 -0.31 -11.62
CA ARG A 65 15.86 0.13 -12.98
CA ARG A 65 15.84 0.03 -12.99
C ARG A 65 15.13 1.45 -12.98
C ARG A 65 14.96 1.28 -13.13
N PHE A 66 14.11 1.54 -12.14
CA PHE A 66 13.19 2.69 -12.19
C PHE A 66 13.48 3.74 -11.14
N GLY A 67 14.35 3.41 -10.20
CA GLY A 67 14.66 4.36 -9.13
C GLY A 67 13.45 4.71 -8.27
C GLY A 67 13.37 4.86 -8.52
N CYS A 68 12.41 3.87 -8.32
N CYS A 68 12.50 3.92 -8.18
CA CYS A 68 11.15 4.13 -7.59
CA CYS A 68 11.24 4.21 -7.51
C CYS A 68 11.17 3.49 -6.22
C CYS A 68 11.35 3.74 -6.07
N ARG A 69 10.47 4.07 -5.26
N ARG A 69 10.32 4.06 -5.29
CA ARG A 69 10.25 3.43 -3.97
CA ARG A 69 10.16 3.45 -3.98
C ARG A 69 9.34 2.21 -4.23
C ARG A 69 9.29 2.22 -4.20
N ILE A 70 9.52 1.16 -3.43
CA ILE A 70 8.72 -0.04 -3.56
C ILE A 70 8.00 -0.35 -2.25
N ILE A 71 6.67 -0.44 -2.33
CA ILE A 71 5.85 -0.93 -1.23
C ILE A 71 5.51 -2.39 -1.49
N ALA A 72 5.92 -3.28 -0.59
CA ALA A 72 5.63 -4.74 -0.71
C ALA A 72 4.26 -4.97 -0.15
N ASP A 73 3.31 -5.23 -1.03
CA ASP A 73 1.96 -5.44 -0.55
C ASP A 73 1.72 -6.92 -0.28
N PHE A 74 2.12 -7.34 0.92
CA PHE A 74 2.07 -8.72 1.29
C PHE A 74 0.93 -8.98 2.31
N ALA A 75 0.10 -7.97 2.56
CA ALA A 75 -1.09 -8.13 3.42
C ALA A 75 -0.77 -9.05 4.60
N VAL A 76 0.31 -8.72 5.31
CA VAL A 76 0.88 -9.70 6.23
C VAL A 76 -0.13 -10.00 7.32
N ALA A 77 -0.39 -11.27 7.56
CA ALA A 77 -1.54 -11.62 8.42
C ALA A 77 -1.30 -12.91 9.22
N ASP A 78 -0.12 -13.01 9.84
CA ASP A 78 0.18 -14.24 10.58
C ASP A 78 0.46 -13.95 12.05
N ILE A 79 0.97 -14.95 12.76
CA ILE A 79 1.29 -14.76 14.18
C ILE A 79 2.54 -13.90 14.30
N PRO A 80 2.82 -13.39 15.49
CA PRO A 80 3.97 -12.46 15.53
C PRO A 80 5.29 -13.02 15.02
N GLU A 81 5.62 -14.26 15.41
CA GLU A 81 6.93 -14.81 15.04
C GLU A 81 7.05 -14.99 13.53
N THR A 82 5.95 -15.36 12.89
CA THR A 82 5.98 -15.52 11.43
C THR A 82 6.01 -14.18 10.73
N ASN A 83 5.25 -13.23 11.27
CA ASN A 83 5.24 -11.90 10.69
C ASN A 83 6.67 -11.34 10.72
N GLU A 84 7.41 -11.58 11.81
N GLU A 84 7.41 -11.56 11.81
CA GLU A 84 8.78 -11.10 11.91
CA GLU A 84 8.77 -10.99 11.89
C GLU A 84 9.59 -11.59 10.74
C GLU A 84 9.68 -11.58 10.83
N LYS A 85 9.53 -12.91 10.53
N LYS A 85 9.52 -12.88 10.55
CA LYS A 85 10.28 -13.57 9.47
CA LYS A 85 10.29 -13.52 9.48
C LYS A 85 9.93 -13.01 8.10
C LYS A 85 9.92 -12.99 8.10
N ILE A 86 8.63 -12.81 7.86
CA ILE A 86 8.14 -12.26 6.58
C ILE A 86 8.72 -10.85 6.36
N CYS A 87 8.65 -10.00 7.38
CA CYS A 87 9.18 -8.64 7.24
C CYS A 87 10.69 -8.63 7.00
N ARG A 88 11.41 -9.47 7.73
N ARG A 88 11.42 -9.49 7.72
CA ARG A 88 12.86 -9.53 7.57
CA ARG A 88 12.87 -9.58 7.57
C ARG A 88 13.20 -9.91 6.13
C ARG A 88 13.22 -9.94 6.15
N ALA A 89 12.52 -10.93 5.59
CA ALA A 89 12.82 -11.35 4.25
C ALA A 89 12.47 -10.25 3.24
N THR A 90 11.41 -9.52 3.55
CA THR A 90 10.89 -8.53 2.62
C THR A 90 11.81 -7.32 2.55
N PHE A 91 12.26 -6.86 3.71
CA PHE A 91 13.22 -5.77 3.71
C PHE A 91 14.61 -6.17 3.20
N LYS A 92 15.01 -7.42 3.45
CA LYS A 92 16.29 -7.89 2.94
C LYS A 92 16.24 -7.84 1.42
N ALA A 93 15.07 -8.05 0.84
CA ALA A 93 14.91 -7.98 -0.62
C ALA A 93 14.85 -6.55 -1.18
N GLY A 94 14.88 -5.56 -0.29
CA GLY A 94 15.01 -4.18 -0.72
C GLY A 94 13.74 -3.36 -0.67
N ALA A 95 12.64 -3.92 -0.18
CA ALA A 95 11.40 -3.14 -0.16
C ALA A 95 11.55 -1.96 0.79
N ASP A 96 10.87 -0.86 0.47
CA ASP A 96 10.90 0.34 1.35
C ASP A 96 9.87 0.28 2.46
N ALA A 97 8.78 -0.44 2.20
CA ALA A 97 7.70 -0.52 3.18
C ALA A 97 6.95 -1.81 2.93
N ILE A 98 6.15 -2.22 3.91
CA ILE A 98 5.36 -3.43 3.78
C ILE A 98 3.94 -3.14 4.27
N ILE A 99 2.94 -3.71 3.58
CA ILE A 99 1.55 -3.60 4.02
C ILE A 99 1.19 -4.77 4.92
N VAL A 100 0.61 -4.44 6.08
N VAL A 100 0.64 -4.46 6.08
CA VAL A 100 0.35 -5.39 7.16
CA VAL A 100 0.34 -5.48 7.09
C VAL A 100 -1.14 -5.30 7.54
C VAL A 100 -1.11 -5.33 7.57
N HIS A 101 -1.82 -6.44 7.69
CA HIS A 101 -3.19 -6.42 8.18
C HIS A 101 -3.24 -6.11 9.67
N GLY A 102 -4.24 -5.31 10.05
CA GLY A 102 -4.50 -5.05 11.47
C GLY A 102 -5.40 -6.07 12.15
N PHE A 103 -6.18 -6.82 11.37
N PHE A 103 -6.21 -6.79 11.38
CA PHE A 103 -7.17 -7.75 11.94
CA PHE A 103 -7.24 -7.61 12.00
C PHE A 103 -6.57 -8.83 12.88
C PHE A 103 -6.70 -8.75 12.90
N PRO A 104 -5.31 -9.27 12.63
N PRO A 104 -5.52 -9.31 12.57
CA PRO A 104 -4.73 -10.28 13.54
CA PRO A 104 -4.93 -10.28 13.52
C PRO A 104 -4.38 -9.73 14.92
C PRO A 104 -4.55 -9.75 14.92
N GLY A 105 -4.52 -8.42 15.11
CA GLY A 105 -4.27 -7.83 16.44
C GLY A 105 -2.90 -7.20 16.71
N ALA A 106 -2.76 -6.66 17.92
CA ALA A 106 -1.67 -5.71 18.17
C ALA A 106 -0.31 -6.35 18.21
N ASP A 107 -0.23 -7.58 18.70
CA ASP A 107 1.07 -8.25 18.77
C ASP A 107 1.60 -8.55 17.35
N SER A 108 0.70 -8.99 16.45
CA SER A 108 1.12 -9.26 15.07
C SER A 108 1.62 -7.98 14.41
N VAL A 109 0.96 -6.87 14.68
CA VAL A 109 1.35 -5.61 14.08
C VAL A 109 2.70 -5.13 14.71
N ARG A 110 2.83 -5.24 16.02
N ARG A 110 2.81 -5.24 16.02
CA ARG A 110 4.05 -4.79 16.70
CA ARG A 110 4.03 -4.80 16.70
C ARG A 110 5.27 -5.57 16.21
C ARG A 110 5.27 -5.57 16.20
N ALA A 111 5.08 -6.84 15.91
CA ALA A 111 6.20 -7.63 15.40
C ALA A 111 6.73 -7.01 14.11
N CYS A 112 5.82 -6.55 13.24
CA CYS A 112 6.20 -5.93 11.96
C CYS A 112 6.88 -4.59 12.25
N LEU A 113 6.28 -3.81 13.15
CA LEU A 113 6.91 -2.53 13.52
C LEU A 113 8.30 -2.70 14.09
N ASN A 114 8.52 -3.76 14.86
CA ASN A 114 9.86 -4.00 15.41
C ASN A 114 10.91 -4.25 14.34
N VAL A 115 10.57 -5.09 13.36
CA VAL A 115 11.50 -5.37 12.29
C VAL A 115 11.74 -4.11 11.47
N ALA A 116 10.67 -3.33 11.19
CA ALA A 116 10.84 -2.08 10.44
C ALA A 116 11.76 -1.12 11.16
N GLU A 117 11.64 -1.06 12.48
N GLU A 117 11.64 -1.06 12.48
CA GLU A 117 12.51 -0.18 13.27
CA GLU A 117 12.53 -0.19 13.24
C GLU A 117 13.95 -0.67 13.23
C GLU A 117 13.98 -0.62 13.06
N GLU A 118 14.10 -1.99 13.16
N GLU A 118 14.24 -1.90 13.29
CA GLU A 118 15.43 -2.59 13.12
CA GLU A 118 15.61 -2.43 13.16
C GLU A 118 16.14 -2.30 11.82
C GLU A 118 16.21 -2.22 11.76
N MET A 119 15.34 -2.23 10.76
CA MET A 119 15.93 -2.19 9.43
CA MET A 119 15.78 -2.23 9.37
C MET A 119 15.72 -0.86 8.74
N GLY A 120 15.16 0.10 9.46
CA GLY A 120 15.06 1.46 8.93
C GLY A 120 13.99 1.64 7.86
C GLY A 120 13.99 1.55 7.84
N ARG A 121 12.91 0.87 7.94
N ARG A 121 12.91 0.79 8.00
CA ARG A 121 11.83 0.92 6.94
CA ARG A 121 11.82 0.72 7.01
C ARG A 121 10.48 1.27 7.57
C ARG A 121 10.43 1.08 7.60
N GLU A 122 9.40 1.09 6.79
N GLU A 122 9.39 1.06 6.77
CA GLU A 122 8.07 1.48 7.22
C GLU A 122 7.03 0.40 7.06
N VAL A 123 6.05 0.48 7.97
CA VAL A 123 4.87 -0.41 7.93
C VAL A 123 3.66 0.43 7.53
N PHE A 124 2.85 -0.09 6.59
CA PHE A 124 1.54 0.48 6.32
C PHE A 124 0.53 -0.46 6.92
N LEU A 125 -0.41 0.07 7.71
CA LEU A 125 -1.46 -0.76 8.33
C LEU A 125 -2.72 -0.74 7.49
N LEU A 126 -3.10 -1.91 6.99
CA LEU A 126 -4.38 -2.08 6.26
C LEU A 126 -5.51 -2.19 7.27
N THR A 127 -6.46 -1.25 7.18
N THR A 127 -6.43 -1.22 7.25
CA THR A 127 -7.48 -1.03 8.21
CA THR A 127 -7.56 -1.29 8.18
C THR A 127 -8.89 -1.53 7.82
C THR A 127 -8.76 -1.90 7.43
N GLU A 128 -9.31 -1.19 6.61
N GLU A 128 -9.59 -1.08 6.80
CA GLU A 128 -10.58 -1.66 6.04
CA GLU A 128 -10.70 -1.62 6.03
C GLU A 128 -10.34 -1.89 4.55
C GLU A 128 -10.24 -1.96 4.60
N MET A 129 -10.77 -3.04 4.05
CA MET A 129 -10.49 -3.43 2.66
C MET A 129 -11.58 -2.88 1.73
N SER A 130 -11.27 -2.91 0.45
CA SER A 130 -12.09 -2.19 -0.54
C SER A 130 -13.16 -3.04 -1.23
N HIS A 131 -13.08 -4.36 -1.13
CA HIS A 131 -13.99 -5.22 -1.89
C HIS A 131 -15.28 -5.47 -1.10
N PRO A 132 -16.32 -6.00 -1.78
CA PRO A 132 -17.62 -6.16 -1.11
C PRO A 132 -17.55 -7.02 0.15
N GLY A 133 -16.75 -8.07 0.12
CA GLY A 133 -16.67 -8.97 1.26
C GLY A 133 -16.15 -8.32 2.53
N ALA A 134 -15.46 -7.18 2.39
CA ALA A 134 -14.95 -6.45 3.57
C ALA A 134 -16.08 -6.08 4.51
N GLU A 135 -17.30 -6.00 3.99
CA GLU A 135 -18.43 -5.60 4.83
C GLU A 135 -18.77 -6.65 5.88
N MET A 136 -18.36 -7.90 5.64
CA MET A 136 -18.80 -8.99 6.49
C MET A 136 -18.21 -8.95 7.90
N PHE A 137 -16.88 -8.81 7.98
CA PHE A 137 -16.18 -8.86 9.26
C PHE A 137 -15.26 -7.67 9.46
N ILE A 138 -14.56 -7.26 8.42
CA ILE A 138 -13.51 -6.25 8.58
C ILE A 138 -14.07 -4.87 8.93
N GLN A 139 -15.13 -4.49 8.24
CA GLN A 139 -15.68 -3.15 8.42
C GLN A 139 -16.07 -2.88 9.84
N GLY A 140 -16.73 -3.85 10.48
CA GLY A 140 -17.15 -3.70 11.88
C GLY A 140 -16.01 -3.53 12.88
N ALA A 141 -14.81 -3.95 12.49
CA ALA A 141 -13.63 -3.86 13.36
C ALA A 141 -12.72 -2.70 12.93
N ALA A 142 -12.99 -2.12 11.77
CA ALA A 142 -11.99 -1.25 11.18
C ALA A 142 -11.68 -0.01 12.00
N ASP A 143 -12.68 0.62 12.59
CA ASP A 143 -12.36 1.79 13.42
C ASP A 143 -11.42 1.44 14.56
N GLU A 144 -11.67 0.29 15.18
N GLU A 144 -11.64 0.28 15.16
CA GLU A 144 -10.83 -0.16 16.29
CA GLU A 144 -10.83 -0.13 16.28
C GLU A 144 -9.44 -0.50 15.79
C GLU A 144 -9.45 -0.59 15.83
N ILE A 145 -9.37 -1.10 14.60
CA ILE A 145 -8.07 -1.48 14.06
C ILE A 145 -7.26 -0.21 13.86
N ALA A 146 -7.92 0.82 13.33
CA ALA A 146 -7.23 2.09 13.14
C ALA A 146 -6.77 2.71 14.47
N ARG A 147 -7.61 2.64 15.49
N ARG A 147 -7.63 2.67 15.48
CA ARG A 147 -7.28 3.20 16.80
CA ARG A 147 -7.26 3.22 16.78
C ARG A 147 -6.13 2.43 17.42
C ARG A 147 -6.08 2.45 17.34
N MET A 148 -6.11 1.13 17.16
CA MET A 148 -4.98 0.28 17.61
C MET A 148 -3.70 0.75 16.93
N GLY A 149 -3.79 1.02 15.63
CA GLY A 149 -2.65 1.57 14.89
C GLY A 149 -2.10 2.83 15.54
N VAL A 150 -2.99 3.75 15.86
CA VAL A 150 -2.56 5.02 16.46
C VAL A 150 -1.86 4.75 17.78
N ASP A 151 -2.42 3.83 18.55
N ASP A 151 -2.43 3.83 18.57
CA ASP A 151 -1.86 3.50 19.86
CA ASP A 151 -1.86 3.48 19.86
C ASP A 151 -0.51 2.80 19.79
C ASP A 151 -0.44 2.96 19.70
N LEU A 152 -0.23 2.14 18.66
CA LEU A 152 1.06 1.48 18.44
C LEU A 152 2.08 2.42 17.78
N GLY A 153 1.64 3.61 17.40
CA GLY A 153 2.54 4.56 16.76
C GLY A 153 2.68 4.37 15.25
N VAL A 154 1.77 3.62 14.66
CA VAL A 154 1.71 3.47 13.19
C VAL A 154 1.44 4.85 12.57
N LYS A 155 2.14 5.17 11.48
N LYS A 155 2.19 5.16 11.50
CA LYS A 155 1.95 6.47 10.87
CA LYS A 155 2.10 6.47 10.86
C LYS A 155 1.42 6.38 9.45
C LYS A 155 1.69 6.39 9.38
N ASN A 156 1.47 5.17 8.88
CA ASN A 156 1.07 4.94 7.48
C ASN A 156 -0.07 3.94 7.44
N TYR A 157 -1.10 4.24 6.65
CA TYR A 157 -2.36 3.45 6.68
C TYR A 157 -2.89 3.24 5.27
N VAL A 158 -3.71 2.20 5.12
CA VAL A 158 -4.40 1.92 3.86
C VAL A 158 -5.87 1.76 4.13
N GLY A 159 -6.70 2.43 3.35
CA GLY A 159 -8.16 2.34 3.51
C GLY A 159 -8.84 2.48 2.15
N PRO A 160 -10.16 2.23 2.09
CA PRO A 160 -10.80 1.89 0.81
C PRO A 160 -11.39 3.06 -0.02
N SER A 161 -10.96 3.16 -1.27
CA SER A 161 -11.46 4.16 -2.20
C SER A 161 -12.93 3.91 -2.47
N THR A 162 -13.36 2.65 -2.41
CA THR A 162 -14.74 2.30 -2.71
C THR A 162 -15.73 2.80 -1.65
N ARG A 163 -15.24 3.24 -0.48
CA ARG A 163 -16.14 3.77 0.55
C ARG A 163 -15.56 5.06 1.12
N PRO A 164 -15.73 6.17 0.39
CA PRO A 164 -15.10 7.39 0.90
C PRO A 164 -15.61 7.85 2.26
N GLU A 165 -16.85 7.48 2.64
CA GLU A 165 -17.32 7.82 3.97
C GLU A 165 -16.51 7.05 5.03
N ARG A 166 -16.09 5.82 4.69
CA ARG A 166 -15.26 5.04 5.62
C ARG A 166 -13.85 5.63 5.60
N LEU A 167 -13.41 6.07 4.42
N LEU A 167 -13.36 6.05 4.43
CA LEU A 167 -12.08 6.67 4.30
CA LEU A 167 -12.07 6.74 4.39
C LEU A 167 -12.01 8.00 5.08
C LEU A 167 -12.08 7.94 5.29
N SER A 168 -13.12 8.73 5.14
CA SER A 168 -13.21 9.94 5.95
C SER A 168 -13.13 9.62 7.45
N ARG A 169 -13.86 8.60 7.88
CA ARG A 169 -13.83 8.19 9.27
C ARG A 169 -12.43 7.71 9.67
N LEU A 170 -11.74 7.00 8.77
N LEU A 170 -11.74 7.03 8.77
CA LEU A 170 -10.37 6.55 9.03
CA LEU A 170 -10.38 6.54 9.05
C LEU A 170 -9.48 7.77 9.23
C LEU A 170 -9.37 7.69 9.14
N ARG A 171 -9.54 8.69 8.29
CA ARG A 171 -8.72 9.91 8.37
C ARG A 171 -8.99 10.59 9.70
N GLU A 172 -10.24 10.58 10.12
CA GLU A 172 -10.62 11.22 11.37
C GLU A 172 -9.88 10.58 12.54
N ILE A 173 -9.75 9.25 12.53
CA ILE A 173 -9.10 8.54 13.62
C ILE A 173 -7.59 8.76 13.59
N ILE A 174 -6.99 8.68 12.41
CA ILE A 174 -5.53 8.70 12.33
C ILE A 174 -4.94 10.09 12.33
N GLY A 175 -5.77 11.09 12.11
CA GLY A 175 -5.25 12.45 12.12
C GLY A 175 -4.63 12.90 10.81
N GLN A 176 -4.35 14.19 10.72
N GLN A 176 -4.25 14.17 10.75
CA GLN A 176 -3.99 14.83 9.45
CA GLN A 176 -3.66 14.74 9.54
C GLN A 176 -2.55 14.53 9.06
C GLN A 176 -2.16 14.44 9.40
N ASP A 177 -1.75 14.18 10.07
N ASP A 177 -1.51 14.11 10.51
CA ASP A 177 -0.32 14.01 9.91
CA ASP A 177 -0.07 13.84 10.46
C ASP A 177 0.03 12.62 9.36
C ASP A 177 0.26 12.42 10.00
N SER A 178 -0.77 11.62 9.73
CA SER A 178 -0.55 10.27 9.25
C SER A 178 -0.69 10.24 7.73
N PHE A 179 -0.01 9.29 7.09
CA PHE A 179 -0.01 9.12 5.63
C PHE A 179 -0.98 7.99 5.29
N LEU A 180 -1.88 8.26 4.34
CA LEU A 180 -3.02 7.34 4.05
C LEU A 180 -3.05 7.12 2.56
N ILE A 181 -2.97 5.85 2.14
CA ILE A 181 -3.04 5.52 0.73
C ILE A 181 -4.25 4.65 0.51
N SER A 182 -4.74 4.64 -0.72
CA SER A 182 -6.07 4.07 -0.91
C SER A 182 -6.23 3.34 -2.25
N PRO A 183 -6.46 2.02 -2.21
CA PRO A 183 -6.77 1.25 -3.41
C PRO A 183 -8.28 1.12 -3.64
N GLY A 184 -8.62 0.67 -4.84
CA GLY A 184 -10.02 0.49 -5.27
C GLY A 184 -10.45 1.57 -6.24
N VAL A 185 -9.50 2.33 -6.76
CA VAL A 185 -9.76 3.39 -7.75
C VAL A 185 -9.79 2.78 -9.14
N GLY A 186 -10.83 3.11 -9.88
CA GLY A 186 -10.98 2.65 -11.27
C GLY A 186 -11.74 1.32 -11.37
N ALA A 187 -11.00 0.22 -11.48
CA ALA A 187 -11.64 -1.08 -11.69
C ALA A 187 -12.68 -1.42 -10.66
N GLN A 188 -12.40 -1.12 -9.39
CA GLN A 188 -13.30 -1.49 -8.29
C GLN A 188 -14.40 -0.47 -8.08
N GLY A 189 -14.31 0.65 -8.80
CA GLY A 189 -15.36 1.65 -8.76
C GLY A 189 -15.04 2.97 -8.09
N GLY A 190 -13.89 3.04 -7.44
CA GLY A 190 -13.49 4.27 -6.75
C GLY A 190 -13.11 5.39 -7.69
N ASP A 191 -13.23 6.63 -7.19
CA ASP A 191 -12.92 7.81 -7.99
C ASP A 191 -11.67 8.51 -7.49
N PRO A 192 -10.75 8.90 -8.41
CA PRO A 192 -9.52 9.56 -7.96
C PRO A 192 -9.70 10.80 -7.11
N GLY A 193 -10.46 11.76 -7.62
CA GLY A 193 -10.67 13.02 -6.92
C GLY A 193 -11.35 12.88 -5.57
N GLU A 194 -12.44 12.11 -5.49
CA GLU A 194 -13.11 11.93 -4.22
C GLU A 194 -12.20 11.27 -3.18
N THR A 195 -11.43 10.28 -3.62
CA THR A 195 -10.60 9.52 -2.70
C THR A 195 -9.51 10.43 -2.17
N LEU A 196 -8.99 11.30 -3.04
CA LEU A 196 -7.95 12.22 -2.60
C LEU A 196 -8.47 13.37 -1.71
N ARG A 197 -9.77 13.44 -1.46
CA ARG A 197 -10.26 14.35 -0.44
C ARG A 197 -9.76 13.91 0.95
N PHE A 198 -9.50 12.60 1.08
CA PHE A 198 -9.16 11.99 2.38
C PHE A 198 -7.79 11.30 2.37
N ALA A 199 -7.47 10.60 1.29
CA ALA A 199 -6.16 9.92 1.19
C ALA A 199 -5.09 10.86 0.67
N ASP A 200 -3.84 10.59 1.03
CA ASP A 200 -2.71 11.35 0.47
C ASP A 200 -2.32 10.88 -0.91
N ALA A 201 -2.56 9.61 -1.16
CA ALA A 201 -2.26 9.05 -2.49
C ALA A 201 -3.23 7.92 -2.81
N ILE A 202 -3.45 7.71 -4.10
CA ILE A 202 -4.29 6.63 -4.56
C ILE A 202 -3.43 5.55 -5.18
N ILE A 203 -3.85 4.30 -4.99
CA ILE A 203 -3.24 3.15 -5.64
C ILE A 203 -4.10 2.80 -6.83
N VAL A 204 -3.46 2.58 -7.99
CA VAL A 204 -4.22 2.22 -9.21
C VAL A 204 -3.48 1.07 -9.89
N GLY A 205 -4.22 -0.03 -10.13
CA GLY A 205 -3.64 -1.16 -10.85
C GLY A 205 -4.25 -1.33 -12.23
N ARG A 206 -5.31 -2.11 -12.33
CA ARG A 206 -5.82 -2.47 -13.64
C ARG A 206 -6.16 -1.30 -14.57
N SER A 207 -6.75 -0.21 -14.05
CA SER A 207 -7.13 0.94 -14.90
C SER A 207 -5.91 1.44 -15.68
N ILE A 208 -4.72 1.21 -15.12
CA ILE A 208 -3.45 1.53 -15.83
C ILE A 208 -2.88 0.29 -16.56
N TYR A 209 -2.64 -0.81 -15.82
CA TYR A 209 -1.82 -1.87 -16.44
C TYR A 209 -2.57 -2.75 -17.43
N LEU A 210 -3.90 -2.71 -17.42
CA LEU A 210 -4.66 -3.39 -18.50
C LEU A 210 -5.09 -2.48 -19.63
N ALA A 211 -4.77 -1.19 -19.53
CA ALA A 211 -5.16 -0.22 -20.55
C ALA A 211 -4.42 -0.46 -21.87
N ASP A 212 -5.04 -0.11 -22.99
CA ASP A 212 -4.32 -0.23 -24.27
C ASP A 212 -3.07 0.65 -24.26
N ASN A 213 -3.16 1.78 -23.57
CA ASN A 213 -2.03 2.72 -23.45
C ASN A 213 -1.92 3.12 -21.97
N PRO A 214 -1.10 2.40 -21.20
CA PRO A 214 -0.93 2.71 -19.77
C PRO A 214 -0.43 4.11 -19.47
N ALA A 215 0.47 4.64 -20.29
CA ALA A 215 0.93 6.02 -20.09
C ALA A 215 -0.25 7.01 -20.22
N ALA A 216 -1.11 6.80 -21.20
CA ALA A 216 -2.26 7.67 -21.43
C ALA A 216 -3.25 7.55 -20.26
N ALA A 217 -3.46 6.32 -19.78
CA ALA A 217 -4.35 6.11 -18.64
C ALA A 217 -3.82 6.83 -17.41
N ALA A 218 -2.53 6.66 -17.11
CA ALA A 218 -1.90 7.34 -15.96
C ALA A 218 -1.98 8.85 -16.12
N ALA A 219 -1.68 9.34 -17.31
CA ALA A 219 -1.74 10.78 -17.56
C ALA A 219 -3.15 11.33 -17.36
N GLY A 220 -4.14 10.57 -17.81
CA GLY A 220 -5.55 10.96 -17.66
C GLY A 220 -5.92 11.07 -16.19
N ILE A 221 -5.48 10.10 -15.41
CA ILE A 221 -5.71 10.16 -13.96
C ILE A 221 -5.03 11.39 -13.36
N ILE A 222 -3.77 11.63 -13.72
CA ILE A 222 -2.99 12.72 -13.16
C ILE A 222 -3.65 14.06 -13.51
N GLU A 223 -4.18 14.15 -14.73
CA GLU A 223 -4.82 15.37 -15.16
C GLU A 223 -6.09 15.66 -14.37
N SER A 224 -6.84 14.62 -13.99
CA SER A 224 -8.02 14.83 -13.16
C SER A 224 -7.61 15.08 -11.69
N ILE A 225 -6.40 14.65 -11.31
CA ILE A 225 -5.84 14.93 -9.98
C ILE A 225 -5.37 16.39 -9.83
N LYS A 226 -4.56 16.85 -10.78
CA LYS A 226 -4.07 18.23 -10.77
C LYS A 226 -5.21 19.25 -10.65
N ASP A 227 -6.41 18.84 -11.05
CA ASP A 227 -7.56 19.73 -11.04
C ASP A 227 -8.13 19.93 -9.64
N LEU A 228 -7.77 19.07 -8.70
CA LEU A 228 -8.25 19.19 -7.33
C LEU A 228 -8.04 20.59 -6.75
#